data_2J5S
#
_entry.id   2J5S
#
_cell.length_a   80.387
_cell.length_b   80.387
_cell.length_c   125.882
_cell.angle_alpha   90.00
_cell.angle_beta   90.00
_cell.angle_gamma   120.00
#
_symmetry.space_group_name_H-M   'P 63'
#
loop_
_entity.id
_entity.type
_entity.pdbx_description
1 polymer 'BETA-DIKETONE HYDROLASE'
2 non-polymer (S)-CYCLOHEXANONE-2-ACETATE
3 non-polymer 'NICKEL (II) ION'
4 water water
#
_entity_poly.entity_id   1
_entity_poly.type   'polypeptide(L)'
_entity_poly.pdbx_seq_one_letter_code
;MGSSHHHHHHMTLNQPEYFTKYENLHFHRDENGILEVRMHTNGSSLVFTGKTHREFPDAFYDISRDRDNRVVILTGSGDA
WMAEIDFPSLGDVTNPREWDKTYWEGKKVLQNLLDIEVPVISAVNGAALLHSEYILTTDIILASENTVFQDMPHLNAGIV
PGDGVHILWPLALGLYRGRYFLFTQEKLTAQQAYELNVVHEVLPQSKLMERAWEIARTLAKQPTLNLRYTRVALTQRLKR
LVNEGIGYGLALEGITATDLRNT
;
_entity_poly.pdbx_strand_id   A,B
#
# COMPACT_ATOMS: atom_id res chain seq x y z
N LEU A 13 -0.26 27.46 -11.74
CA LEU A 13 -0.93 27.57 -10.42
C LEU A 13 -0.07 26.90 -9.34
N ASN A 14 -0.31 27.33 -8.11
CA ASN A 14 0.41 26.92 -6.91
C ASN A 14 -0.02 25.52 -6.43
N GLN A 15 -1.10 24.99 -7.00
CA GLN A 15 -1.64 23.67 -6.60
C GLN A 15 -0.72 22.50 -6.98
N PRO A 16 -0.79 21.36 -6.26
CA PRO A 16 0.08 20.23 -6.56
C PRO A 16 -0.02 19.74 -8.01
N GLU A 17 1.12 19.28 -8.53
CA GLU A 17 1.17 18.77 -9.87
C GLU A 17 0.15 17.64 -10.08
N TYR A 18 -0.03 16.75 -9.10
CA TYR A 18 -0.95 15.62 -9.28
C TYR A 18 -2.42 16.04 -9.50
N PHE A 19 -2.79 17.28 -9.14
CA PHE A 19 -4.15 17.78 -9.39
C PHE A 19 -4.56 17.76 -10.86
N THR A 20 -3.60 17.80 -11.78
CA THR A 20 -3.93 17.87 -13.21
C THR A 20 -3.25 16.74 -13.97
N LYS A 21 -2.89 15.67 -13.25
CA LYS A 21 -2.16 14.52 -13.79
C LYS A 21 -3.10 13.45 -14.34
N TYR A 22 -4.38 13.53 -13.95
CA TYR A 22 -5.34 12.45 -14.23
C TYR A 22 -6.47 12.96 -15.07
N GLU A 23 -6.54 12.44 -16.30
CA GLU A 23 -7.54 12.86 -17.28
C GLU A 23 -8.97 12.67 -16.78
N ASN A 24 -9.15 11.71 -15.87
CA ASN A 24 -10.50 11.40 -15.41
C ASN A 24 -10.80 11.83 -13.98
N LEU A 25 -9.96 12.67 -13.41
CA LEU A 25 -10.21 13.22 -12.07
C LEU A 25 -9.98 14.71 -12.06
N HIS A 26 -10.99 15.45 -11.59
CA HIS A 26 -10.83 16.89 -11.31
C HIS A 26 -10.59 17.09 -9.82
N PHE A 27 -9.66 17.98 -9.48
CA PHE A 27 -9.30 18.23 -8.09
C PHE A 27 -9.50 19.69 -7.77
N HIS A 28 -10.04 19.96 -6.58
CA HIS A 28 -10.18 21.32 -6.08
C HIS A 28 -10.01 21.27 -4.58
N ARG A 29 -9.16 22.11 -4.02
CA ARG A 29 -8.91 22.11 -2.57
C ARG A 29 -9.01 23.51 -1.98
N ASP A 30 -9.70 23.65 -0.87
CA ASP A 30 -9.87 25.00 -0.28
C ASP A 30 -8.74 25.29 0.72
N GLU A 31 -8.78 26.46 1.35
CA GLU A 31 -7.75 26.87 2.27
C GLU A 31 -7.73 26.07 3.57
N ASN A 32 -8.81 25.30 3.80
CA ASN A 32 -8.95 24.46 4.99
C ASN A 32 -8.39 23.02 4.76
N GLY A 33 -7.87 22.77 3.56
CA GLY A 33 -7.35 21.45 3.18
C GLY A 33 -8.46 20.48 2.81
N ILE A 34 -9.64 21.01 2.50
CA ILE A 34 -10.74 20.12 2.03
C ILE A 34 -10.56 19.92 0.54
N LEU A 35 -10.31 18.68 0.14
CA LEU A 35 -10.07 18.32 -1.26
C LEU A 35 -11.28 17.60 -1.85
N GLU A 36 -11.84 18.16 -2.92
CA GLU A 36 -12.91 17.50 -3.64
C GLU A 36 -12.31 16.85 -4.87
N VAL A 37 -12.52 15.54 -4.99
CA VAL A 37 -12.03 14.77 -6.11
C VAL A 37 -13.23 14.28 -6.89
N ARG A 38 -13.32 14.70 -8.16
CA ARG A 38 -14.50 14.40 -8.98
C ARG A 38 -14.16 13.57 -10.21
N MET A 39 -14.71 12.36 -10.31
CA MET A 39 -14.46 11.49 -11.45
C MET A 39 -15.27 12.00 -12.64
N HIS A 40 -14.67 11.98 -13.82
CA HIS A 40 -15.40 12.42 -15.03
C HIS A 40 -14.77 11.84 -16.30
N THR A 41 -15.54 11.82 -17.38
CA THR A 41 -14.98 11.56 -18.69
C THR A 41 -15.36 12.75 -19.54
N ASN A 42 -14.35 13.52 -19.93
N ASN A 42 -14.38 13.56 -19.93
CA ASN A 42 -14.56 14.77 -20.67
CA ASN A 42 -14.65 14.76 -20.74
C ASN A 42 -15.73 15.56 -20.05
C ASN A 42 -15.63 15.73 -20.05
N GLY A 43 -15.64 15.73 -18.72
CA GLY A 43 -16.58 16.56 -17.95
C GLY A 43 -17.95 15.95 -17.71
N SER A 44 -18.20 14.78 -18.31
CA SER A 44 -19.45 14.06 -18.17
C SER A 44 -19.28 12.95 -17.12
N SER A 45 -20.37 12.24 -16.82
CA SER A 45 -20.27 11.10 -15.89
C SER A 45 -19.20 10.12 -16.36
N LEU A 46 -18.48 9.54 -15.39
CA LEU A 46 -17.36 8.65 -15.74
C LEU A 46 -17.75 7.42 -16.56
N VAL A 47 -16.96 7.15 -17.60
CA VAL A 47 -16.94 5.86 -18.29
C VAL A 47 -15.71 5.14 -17.77
N PHE A 48 -15.89 4.05 -17.01
CA PHE A 48 -14.73 3.36 -16.44
C PHE A 48 -13.96 2.65 -17.58
N THR A 49 -12.63 2.70 -17.51
CA THR A 49 -11.77 2.19 -18.57
C THR A 49 -10.57 1.45 -17.98
N GLY A 50 -9.80 0.76 -18.84
CA GLY A 50 -8.49 0.26 -18.41
C GLY A 50 -7.60 1.37 -17.89
N LYS A 51 -7.71 2.56 -18.50
CA LYS A 51 -6.92 3.69 -18.06
C LYS A 51 -7.25 4.08 -16.61
N THR A 52 -8.52 4.19 -16.29
CA THR A 52 -8.88 4.52 -14.89
C THR A 52 -8.53 3.36 -13.94
N HIS A 53 -8.70 2.13 -14.40
CA HIS A 53 -8.33 1.00 -13.52
C HIS A 53 -6.83 1.08 -13.15
N ARG A 54 -6.01 1.53 -14.08
CA ARG A 54 -4.57 1.66 -13.86
C ARG A 54 -4.19 2.92 -13.09
N GLU A 55 -4.83 4.04 -13.44
CA GLU A 55 -4.44 5.35 -12.88
C GLU A 55 -5.03 5.65 -11.51
N PHE A 56 -6.25 5.17 -11.28
CA PHE A 56 -6.91 5.51 -10.00
C PHE A 56 -6.08 5.07 -8.78
N PRO A 57 -5.50 3.85 -8.81
CA PRO A 57 -4.62 3.53 -7.66
C PRO A 57 -3.51 4.55 -7.43
N ASP A 58 -2.93 5.10 -8.51
CA ASP A 58 -1.89 6.10 -8.35
C ASP A 58 -2.44 7.41 -7.82
N ALA A 59 -3.62 7.79 -8.29
CA ALA A 59 -4.27 9.01 -7.83
C ALA A 59 -4.57 8.93 -6.34
N PHE A 60 -5.10 7.78 -5.90
CA PHE A 60 -5.43 7.63 -4.50
C PHE A 60 -4.17 7.62 -3.65
N TYR A 61 -3.10 6.99 -4.17
CA TYR A 61 -1.82 7.09 -3.47
C TYR A 61 -1.36 8.55 -3.37
N ASP A 62 -1.44 9.30 -4.47
CA ASP A 62 -0.98 10.68 -4.44
C ASP A 62 -1.76 11.52 -3.45
N ILE A 63 -3.08 11.32 -3.40
CA ILE A 63 -3.92 12.02 -2.44
C ILE A 63 -3.45 11.66 -1.02
N SER A 64 -3.21 10.37 -0.79
CA SER A 64 -2.82 9.94 0.56
C SER A 64 -1.47 10.43 1.05
N ARG A 65 -0.57 10.73 0.11
CA ARG A 65 0.79 11.15 0.43
C ARG A 65 0.82 12.63 0.81
N ASP A 66 -0.17 13.39 0.32
CA ASP A 66 -0.16 14.86 0.47
C ASP A 66 -0.80 15.27 1.79
N ARG A 67 0.03 15.70 2.75
N ARG A 67 0.00 15.71 2.76
CA ARG A 67 -0.41 16.05 4.10
CA ARG A 67 -0.52 16.02 4.09
C ARG A 67 -1.22 17.35 4.19
C ARG A 67 -1.42 17.25 4.11
N ASP A 68 -1.35 18.05 3.05
CA ASP A 68 -2.19 19.23 2.97
C ASP A 68 -3.68 18.88 2.76
N ASN A 69 -3.95 17.62 2.38
CA ASN A 69 -5.33 17.08 2.32
C ASN A 69 -5.77 16.73 3.72
N ARG A 70 -6.75 17.49 4.20
CA ARG A 70 -7.22 17.32 5.57
C ARG A 70 -8.59 16.61 5.67
N VAL A 71 -9.41 16.78 4.64
CA VAL A 71 -10.66 16.05 4.45
C VAL A 71 -10.76 15.82 2.96
N VAL A 72 -11.26 14.65 2.53
CA VAL A 72 -11.47 14.38 1.11
C VAL A 72 -12.92 14.15 0.83
N ILE A 73 -13.42 14.73 -0.25
CA ILE A 73 -14.76 14.42 -0.77
C ILE A 73 -14.57 13.73 -2.12
N LEU A 74 -15.12 12.52 -2.26
CA LEU A 74 -14.99 11.79 -3.50
C LEU A 74 -16.35 11.76 -4.16
N THR A 75 -16.42 12.21 -5.40
CA THR A 75 -17.71 12.29 -6.12
C THR A 75 -17.55 11.99 -7.63
N GLY A 76 -18.69 11.89 -8.32
CA GLY A 76 -18.69 11.76 -9.78
C GLY A 76 -19.27 13.00 -10.44
N SER A 77 -19.56 12.90 -11.73
CA SER A 77 -20.03 14.03 -12.52
C SER A 77 -21.38 13.73 -13.14
N GLY A 78 -22.14 14.79 -13.43
CA GLY A 78 -23.41 14.58 -14.11
C GLY A 78 -24.36 13.81 -13.20
N ASP A 79 -25.20 13.00 -13.80
CA ASP A 79 -26.29 12.39 -13.04
C ASP A 79 -26.04 10.93 -12.68
N ALA A 80 -24.79 10.48 -12.86
CA ALA A 80 -24.41 9.11 -12.41
C ALA A 80 -23.06 9.18 -11.73
N TRP A 81 -22.87 8.37 -10.69
CA TRP A 81 -21.58 8.29 -10.00
C TRP A 81 -20.64 7.45 -10.85
N MET A 82 -21.10 6.24 -11.17
CA MET A 82 -20.39 5.39 -12.14
C MET A 82 -21.38 4.37 -12.66
N ALA A 83 -21.75 4.50 -13.94
CA ALA A 83 -22.78 3.64 -14.51
C ALA A 83 -22.41 3.11 -15.90
N GLU A 84 -21.20 3.43 -16.35
CA GLU A 84 -20.72 3.04 -17.68
C GLU A 84 -19.32 2.48 -17.61
N ILE A 85 -19.04 1.54 -18.50
CA ILE A 85 -17.74 0.93 -18.58
C ILE A 85 -17.46 0.59 -20.05
N ASP A 86 -16.21 0.83 -20.45
CA ASP A 86 -15.74 0.49 -21.79
C ASP A 86 -15.02 -0.86 -21.61
N PHE A 87 -15.78 -1.94 -21.75
CA PHE A 87 -15.22 -3.28 -21.45
C PHE A 87 -13.93 -3.61 -22.24
N PRO A 88 -13.92 -3.41 -23.57
CA PRO A 88 -12.67 -3.71 -24.30
C PRO A 88 -11.42 -3.01 -23.80
N SER A 89 -11.58 -1.77 -23.28
CA SER A 89 -10.42 -0.99 -22.82
C SER A 89 -9.73 -1.59 -21.62
N LEU A 90 -10.43 -2.50 -20.93
CA LEU A 90 -9.87 -3.18 -19.74
C LEU A 90 -8.78 -4.21 -20.12
N GLY A 91 -8.64 -4.47 -21.43
CA GLY A 91 -7.71 -5.47 -21.91
C GLY A 91 -8.32 -6.84 -22.00
N ASP A 92 -7.55 -7.80 -22.49
CA ASP A 92 -8.05 -9.14 -22.65
C ASP A 92 -8.07 -9.86 -21.30
N VAL A 93 -9.14 -9.63 -20.57
CA VAL A 93 -9.27 -10.23 -19.23
C VAL A 93 -9.30 -11.75 -19.21
N THR A 94 -9.60 -12.38 -20.36
CA THR A 94 -9.58 -13.86 -20.45
C THR A 94 -8.17 -14.45 -20.58
N ASN A 95 -7.17 -13.60 -20.74
CA ASN A 95 -5.77 -14.00 -20.78
C ASN A 95 -5.15 -13.74 -19.40
N PRO A 96 -4.73 -14.79 -18.68
CA PRO A 96 -4.20 -14.55 -17.34
C PRO A 96 -3.04 -13.60 -17.28
N ARG A 97 -2.27 -13.45 -18.37
CA ARG A 97 -1.15 -12.52 -18.34
C ARG A 97 -1.61 -11.07 -18.39
N GLU A 98 -2.82 -10.86 -18.91
CA GLU A 98 -3.42 -9.53 -18.99
C GLU A 98 -4.24 -9.31 -17.71
N TRP A 99 -4.99 -10.33 -17.32
CA TRP A 99 -5.76 -10.23 -16.05
C TRP A 99 -4.82 -9.92 -14.88
N ASP A 100 -3.59 -10.41 -14.92
CA ASP A 100 -2.67 -10.15 -13.79
C ASP A 100 -2.46 -8.68 -13.56
N LYS A 101 -2.47 -7.86 -14.62
CA LYS A 101 -2.38 -6.41 -14.43
C LYS A 101 -3.61 -5.92 -13.65
N THR A 102 -4.78 -6.36 -14.08
CA THR A 102 -6.05 -5.97 -13.46
C THR A 102 -6.06 -6.42 -12.00
N TYR A 103 -5.59 -7.63 -11.77
CA TYR A 103 -5.49 -8.20 -10.41
C TYR A 103 -4.60 -7.32 -9.51
N TRP A 104 -3.40 -6.99 -9.98
CA TRP A 104 -2.47 -6.18 -9.21
C TRP A 104 -3.07 -4.79 -8.90
N GLU A 105 -3.69 -4.19 -9.92
CA GLU A 105 -4.27 -2.84 -9.78
C GLU A 105 -5.51 -2.89 -8.88
N GLY A 106 -6.21 -4.04 -8.88
CA GLY A 106 -7.42 -4.22 -8.04
C GLY A 106 -7.04 -4.28 -6.57
N LYS A 107 -5.90 -4.92 -6.27
CA LYS A 107 -5.45 -4.96 -4.88
C LYS A 107 -4.99 -3.55 -4.51
N LYS A 108 -4.21 -2.88 -5.39
CA LYS A 108 -3.65 -1.56 -5.01
C LYS A 108 -4.74 -0.48 -4.87
N VAL A 109 -5.79 -0.54 -5.68
CA VAL A 109 -6.76 0.57 -5.64
C VAL A 109 -7.41 0.63 -4.26
N LEU A 110 -7.78 -0.54 -3.69
CA LEU A 110 -8.43 -0.52 -2.37
C LEU A 110 -7.43 -0.25 -1.25
N GLN A 111 -6.23 -0.79 -1.36
CA GLN A 111 -5.19 -0.53 -0.38
C GLN A 111 -4.93 0.98 -0.33
N ASN A 112 -4.81 1.58 -1.50
CA ASN A 112 -4.40 2.98 -1.57
C ASN A 112 -5.53 3.92 -1.15
N LEU A 113 -6.74 3.55 -1.50
N LEU A 113 -6.76 3.59 -1.53
CA LEU A 113 -7.92 4.32 -1.10
CA LEU A 113 -7.93 4.33 -1.03
C LEU A 113 -8.19 4.24 0.41
C LEU A 113 -8.01 4.29 0.48
N LEU A 114 -7.95 3.08 1.02
CA LEU A 114 -8.09 2.94 2.46
C LEU A 114 -7.01 3.73 3.20
N ASP A 115 -5.82 3.80 2.55
CA ASP A 115 -4.67 4.46 3.16
C ASP A 115 -4.69 5.97 3.05
N ILE A 116 -5.70 6.53 2.38
CA ILE A 116 -5.98 7.97 2.62
C ILE A 116 -6.19 8.13 4.09
N GLU A 117 -5.44 9.06 4.69
CA GLU A 117 -5.30 9.09 6.15
C GLU A 117 -6.05 10.27 6.75
N VAL A 118 -7.17 10.61 6.12
CA VAL A 118 -8.09 11.64 6.64
C VAL A 118 -9.51 11.19 6.33
N PRO A 119 -10.51 11.75 7.02
CA PRO A 119 -11.90 11.33 6.70
C PRO A 119 -12.23 11.53 5.25
N VAL A 120 -12.93 10.56 4.68
CA VAL A 120 -13.35 10.62 3.29
C VAL A 120 -14.85 10.59 3.24
N ILE A 121 -15.43 11.61 2.58
CA ILE A 121 -16.86 11.74 2.42
C ILE A 121 -17.18 11.32 0.98
N SER A 122 -18.09 10.35 0.79
CA SER A 122 -18.61 10.07 -0.54
C SER A 122 -19.83 10.97 -0.80
N ALA A 123 -19.82 11.64 -1.96
CA ALA A 123 -21.00 12.35 -2.42
C ALA A 123 -21.45 11.59 -3.66
N VAL A 124 -22.41 10.68 -3.48
CA VAL A 124 -22.82 9.78 -4.55
C VAL A 124 -23.92 10.50 -5.35
N ASN A 125 -23.57 10.93 -6.57
CA ASN A 125 -24.40 11.87 -7.36
C ASN A 125 -25.34 11.22 -8.35
N GLY A 126 -25.48 9.91 -8.23
CA GLY A 126 -26.38 9.19 -9.09
C GLY A 126 -26.01 7.71 -9.10
N ALA A 127 -26.48 6.99 -10.11
CA ALA A 127 -26.30 5.53 -10.15
C ALA A 127 -24.86 5.12 -9.94
N ALA A 128 -24.68 4.16 -9.03
CA ALA A 128 -23.39 3.54 -8.79
C ALA A 128 -23.60 2.07 -9.11
N LEU A 129 -23.33 1.71 -10.37
CA LEU A 129 -23.60 0.35 -10.89
C LEU A 129 -22.35 -0.52 -10.98
N LEU A 130 -21.19 0.12 -10.85
CA LEU A 130 -19.94 -0.61 -10.75
C LEU A 130 -18.98 0.13 -9.82
N HIS A 131 -18.04 -0.62 -9.28
CA HIS A 131 -17.00 -0.06 -8.45
C HIS A 131 -17.52 0.70 -7.22
N SER A 132 -18.70 0.29 -6.75
CA SER A 132 -19.26 0.87 -5.52
C SER A 132 -18.41 0.47 -4.29
N GLU A 133 -17.52 -0.51 -4.43
CA GLU A 133 -16.61 -0.81 -3.31
C GLU A 133 -15.75 0.41 -2.96
N TYR A 134 -15.50 1.33 -3.91
CA TYR A 134 -14.80 2.57 -3.52
C TYR A 134 -15.58 3.31 -2.43
N ILE A 135 -16.90 3.42 -2.62
CA ILE A 135 -17.77 4.17 -1.69
C ILE A 135 -17.68 3.50 -0.33
N LEU A 136 -17.58 2.19 -0.37
CA LEU A 136 -17.59 1.40 0.87
C LEU A 136 -16.24 1.38 1.59
N THR A 137 -15.29 2.24 1.12
CA THR A 137 -14.10 2.50 1.94
C THR A 137 -14.22 3.81 2.72
N THR A 138 -15.24 4.61 2.36
CA THR A 138 -15.31 5.99 2.87
C THR A 138 -16.15 6.08 4.17
N ASP A 139 -15.97 7.19 4.88
CA ASP A 139 -16.45 7.33 6.26
C ASP A 139 -17.86 7.88 6.45
N ILE A 140 -18.25 8.74 5.50
CA ILE A 140 -19.56 9.39 5.54
C ILE A 140 -20.10 9.31 4.12
N ILE A 141 -21.31 8.77 3.97
CA ILE A 141 -21.81 8.49 2.62
C ILE A 141 -23.10 9.28 2.44
N LEU A 142 -23.02 10.25 1.53
CA LEU A 142 -24.18 11.07 1.19
C LEU A 142 -24.62 10.69 -0.20
N ALA A 143 -25.93 10.64 -0.44
CA ALA A 143 -26.38 10.30 -1.80
C ALA A 143 -27.47 11.23 -2.26
N SER A 144 -27.44 11.59 -3.54
CA SER A 144 -28.56 12.32 -4.10
C SER A 144 -29.79 11.41 -4.25
N GLU A 145 -30.98 12.02 -4.31
CA GLU A 145 -32.23 11.26 -4.35
C GLU A 145 -32.34 10.28 -5.53
N ASN A 146 -31.65 10.56 -6.63
CA ASN A 146 -31.70 9.73 -7.85
C ASN A 146 -30.73 8.56 -7.84
N THR A 147 -29.94 8.46 -6.77
CA THR A 147 -28.92 7.41 -6.65
C THR A 147 -29.55 6.03 -6.51
N VAL A 148 -28.91 5.06 -7.18
CA VAL A 148 -29.20 3.64 -6.98
C VAL A 148 -27.84 2.95 -6.87
N PHE A 149 -27.83 1.77 -6.23
CA PHE A 149 -26.59 0.99 -6.06
C PHE A 149 -26.87 -0.40 -6.57
N GLN A 150 -25.91 -0.97 -7.31
CA GLN A 150 -26.05 -2.32 -7.84
C GLN A 150 -24.63 -2.80 -8.18
N ASP A 151 -24.40 -4.10 -8.03
CA ASP A 151 -23.25 -4.73 -8.67
C ASP A 151 -23.70 -5.25 -10.03
N MET A 152 -23.64 -4.37 -11.02
N MET A 152 -23.66 -4.38 -11.03
CA MET A 152 -24.16 -4.73 -12.34
CA MET A 152 -24.14 -4.73 -12.36
C MET A 152 -23.25 -5.67 -13.18
C MET A 152 -23.24 -5.69 -13.17
N PRO A 153 -21.95 -5.34 -13.32
CA PRO A 153 -21.24 -6.01 -14.43
C PRO A 153 -20.81 -7.45 -14.25
N HIS A 154 -20.62 -7.88 -13.01
CA HIS A 154 -20.01 -9.20 -12.83
C HIS A 154 -20.87 -10.36 -13.29
N LEU A 155 -22.09 -10.43 -12.80
CA LEU A 155 -22.97 -11.52 -13.21
C LEU A 155 -23.58 -11.25 -14.59
N ASN A 156 -23.39 -10.03 -15.11
CA ASN A 156 -23.70 -9.79 -16.53
C ASN A 156 -22.68 -10.45 -17.42
N ALA A 157 -21.42 -10.41 -16.98
CA ALA A 157 -20.30 -10.94 -17.77
C ALA A 157 -20.07 -12.42 -17.48
N GLY A 158 -20.56 -12.91 -16.35
CA GLY A 158 -20.31 -14.28 -15.92
C GLY A 158 -19.00 -14.47 -15.14
N ILE A 159 -18.53 -13.42 -14.45
CA ILE A 159 -17.27 -13.52 -13.68
C ILE A 159 -17.53 -13.17 -12.21
N VAL A 160 -16.60 -13.56 -11.34
CA VAL A 160 -16.87 -13.42 -9.91
C VAL A 160 -16.90 -11.93 -9.54
N PRO A 161 -17.83 -11.53 -8.66
CA PRO A 161 -17.79 -10.16 -8.10
C PRO A 161 -16.71 -10.13 -7.03
N GLY A 162 -15.45 -10.20 -7.49
CA GLY A 162 -14.32 -10.49 -6.59
C GLY A 162 -13.39 -9.32 -6.30
N ASP A 163 -13.83 -8.11 -6.64
CA ASP A 163 -12.95 -6.96 -6.59
C ASP A 163 -13.10 -6.16 -5.31
N GLY A 164 -13.73 -6.77 -4.28
CA GLY A 164 -13.94 -6.04 -3.02
C GLY A 164 -15.42 -5.95 -2.73
N VAL A 165 -16.29 -5.96 -3.76
CA VAL A 165 -17.72 -6.00 -3.48
C VAL A 165 -18.12 -7.20 -2.61
N HIS A 166 -17.38 -8.32 -2.81
CA HIS A 166 -17.67 -9.55 -2.08
C HIS A 166 -17.40 -9.45 -0.60
N ILE A 167 -16.56 -8.49 -0.23
CA ILE A 167 -16.24 -8.27 1.18
C ILE A 167 -17.10 -7.14 1.76
N LEU A 168 -17.15 -6.05 0.99
CA LEU A 168 -17.69 -4.81 1.53
C LEU A 168 -19.23 -4.74 1.49
N TRP A 169 -19.89 -5.30 0.47
CA TRP A 169 -21.34 -5.31 0.52
C TRP A 169 -21.88 -6.21 1.65
N PRO A 170 -21.31 -7.41 1.86
CA PRO A 170 -21.75 -8.16 3.07
C PRO A 170 -21.36 -7.49 4.37
N LEU A 171 -20.32 -6.66 4.38
CA LEU A 171 -20.04 -5.91 5.62
CA LEU A 171 -20.04 -5.91 5.57
C LEU A 171 -21.12 -4.86 5.79
N ALA A 172 -21.49 -4.19 4.70
CA ALA A 172 -22.48 -3.11 4.75
C ALA A 172 -23.90 -3.62 5.09
N LEU A 173 -24.33 -4.66 4.38
CA LEU A 173 -25.68 -5.19 4.49
C LEU A 173 -25.80 -6.39 5.41
N GLY A 174 -24.68 -6.84 5.98
CA GLY A 174 -24.65 -8.08 6.76
C GLY A 174 -24.46 -9.25 5.77
N LEU A 175 -23.99 -10.36 6.33
CA LEU A 175 -23.61 -11.52 5.54
C LEU A 175 -24.81 -12.33 5.03
N TYR A 176 -26.02 -11.80 5.18
CA TYR A 176 -27.20 -12.44 4.62
C TYR A 176 -27.72 -11.61 3.45
N ARG A 177 -28.25 -10.44 3.75
CA ARG A 177 -28.70 -9.53 2.68
C ARG A 177 -27.55 -9.19 1.72
N GLY A 178 -26.30 -9.14 2.22
CA GLY A 178 -25.17 -8.82 1.33
C GLY A 178 -24.98 -9.87 0.24
N ARG A 179 -25.14 -11.15 0.62
CA ARG A 179 -25.01 -12.23 -0.39
C ARG A 179 -26.22 -12.28 -1.32
N TYR A 180 -27.43 -12.05 -0.80
CA TYR A 180 -28.61 -11.91 -1.64
C TYR A 180 -28.39 -10.77 -2.65
N PHE A 181 -27.90 -9.63 -2.18
CA PHE A 181 -27.72 -8.47 -3.07
C PHE A 181 -26.76 -8.77 -4.22
N LEU A 182 -25.68 -9.48 -3.93
CA LEU A 182 -24.67 -9.79 -4.96
C LEU A 182 -25.17 -10.89 -5.88
N PHE A 183 -25.74 -11.97 -5.31
CA PHE A 183 -26.09 -13.13 -6.17
C PHE A 183 -27.26 -12.80 -7.08
N THR A 184 -28.15 -11.90 -6.64
CA THR A 184 -29.34 -11.56 -7.45
C THR A 184 -29.21 -10.25 -8.20
N GLN A 185 -28.03 -9.63 -8.11
CA GLN A 185 -27.79 -8.31 -8.69
C GLN A 185 -28.90 -7.32 -8.29
N GLU A 186 -29.24 -7.32 -6.99
CA GLU A 186 -30.24 -6.41 -6.47
C GLU A 186 -29.86 -4.96 -6.71
N LYS A 187 -30.86 -4.14 -7.03
CA LYS A 187 -30.61 -2.71 -7.12
C LYS A 187 -31.28 -2.02 -5.91
N LEU A 188 -30.53 -1.19 -5.18
CA LEU A 188 -31.09 -0.47 -4.03
C LEU A 188 -31.25 0.99 -4.40
N THR A 189 -32.39 1.58 -4.02
CA THR A 189 -32.51 3.04 -4.18
C THR A 189 -31.74 3.74 -3.07
N ALA A 190 -31.55 5.06 -3.20
CA ALA A 190 -30.92 5.85 -2.14
C ALA A 190 -31.69 5.69 -0.85
N GLN A 191 -33.02 5.67 -0.92
CA GLN A 191 -33.83 5.54 0.32
C GLN A 191 -33.63 4.16 0.95
N GLN A 192 -33.66 3.09 0.15
CA GLN A 192 -33.36 1.76 0.70
C GLN A 192 -31.98 1.69 1.35
N ALA A 193 -30.98 2.23 0.64
CA ALA A 193 -29.60 2.23 1.18
C ALA A 193 -29.51 3.01 2.48
N TYR A 194 -30.33 4.06 2.59
CA TYR A 194 -30.39 4.86 3.82
C TYR A 194 -30.99 4.04 4.97
N GLU A 195 -32.09 3.32 4.70
CA GLU A 195 -32.67 2.44 5.72
C GLU A 195 -31.73 1.30 6.10
N LEU A 196 -30.82 0.94 5.18
CA LEU A 196 -29.86 -0.13 5.43
C LEU A 196 -28.53 0.39 6.01
N ASN A 197 -28.52 1.69 6.34
CA ASN A 197 -27.39 2.33 7.03
C ASN A 197 -26.10 2.48 6.21
N VAL A 198 -26.21 2.29 4.89
CA VAL A 198 -25.10 2.47 3.95
C VAL A 198 -24.99 3.96 3.59
N VAL A 199 -26.14 4.52 3.18
CA VAL A 199 -26.22 5.97 2.96
C VAL A 199 -26.64 6.65 4.26
N HIS A 200 -26.00 7.78 4.58
CA HIS A 200 -26.27 8.45 5.86
C HIS A 200 -27.18 9.65 5.75
N GLU A 201 -27.17 10.28 4.58
CA GLU A 201 -28.12 11.36 4.30
C GLU A 201 -28.48 11.27 2.84
N VAL A 202 -29.77 11.47 2.55
CA VAL A 202 -30.26 11.55 1.16
C VAL A 202 -30.61 13.00 0.88
N LEU A 203 -30.03 13.54 -0.20
CA LEU A 203 -30.12 14.98 -0.50
C LEU A 203 -30.71 15.17 -1.89
N PRO A 204 -31.42 16.29 -2.11
CA PRO A 204 -31.71 16.66 -3.50
C PRO A 204 -30.41 16.81 -4.28
N GLN A 205 -30.46 16.49 -5.58
CA GLN A 205 -29.30 16.63 -6.44
C GLN A 205 -28.63 17.99 -6.28
N SER A 206 -29.46 19.04 -6.19
CA SER A 206 -28.95 20.42 -6.11
CA SER A 206 -28.91 20.40 -6.12
C SER A 206 -28.28 20.77 -4.78
N LYS A 207 -28.45 19.93 -3.76
CA LYS A 207 -27.93 20.23 -2.43
C LYS A 207 -26.81 19.25 -2.01
N LEU A 208 -26.57 18.21 -2.79
CA LEU A 208 -25.62 17.14 -2.39
C LEU A 208 -24.23 17.70 -2.08
N MET A 209 -23.68 18.48 -3.01
CA MET A 209 -22.32 18.93 -2.84
C MET A 209 -22.20 19.98 -1.76
N GLU A 210 -23.21 20.86 -1.64
CA GLU A 210 -23.23 21.85 -0.58
C GLU A 210 -23.19 21.13 0.77
N ARG A 211 -23.95 20.04 0.90
CA ARG A 211 -23.95 19.35 2.19
C ARG A 211 -22.60 18.65 2.46
N ALA A 212 -22.01 18.07 1.41
CA ALA A 212 -20.67 17.44 1.57
C ALA A 212 -19.68 18.46 2.07
N TRP A 213 -19.70 19.66 1.48
CA TRP A 213 -18.77 20.70 1.91
C TRP A 213 -19.08 21.19 3.33
N GLU A 214 -20.35 21.20 3.71
N GLU A 214 -20.37 21.22 3.69
CA GLU A 214 -20.71 21.65 5.06
CA GLU A 214 -20.78 21.59 5.07
C GLU A 214 -20.20 20.70 6.15
C GLU A 214 -20.12 20.70 6.09
N ILE A 215 -20.35 19.40 5.88
CA ILE A 215 -19.81 18.38 6.76
C ILE A 215 -18.26 18.46 6.81
N ALA A 216 -17.65 18.63 5.63
CA ALA A 216 -16.21 18.76 5.54
C ALA A 216 -15.72 19.96 6.36
N ARG A 217 -16.40 21.11 6.25
CA ARG A 217 -15.95 22.29 6.97
C ARG A 217 -16.03 22.07 8.48
N THR A 218 -17.06 21.37 8.96
CA THR A 218 -17.15 21.07 10.39
C THR A 218 -15.97 20.18 10.83
N LEU A 219 -15.69 19.17 10.02
CA LEU A 219 -14.56 18.27 10.31
C LEU A 219 -13.24 19.04 10.29
N ALA A 220 -13.12 20.01 9.38
CA ALA A 220 -11.85 20.72 9.15
C ALA A 220 -11.48 21.56 10.37
N LYS A 221 -12.45 21.81 11.24
CA LYS A 221 -12.18 22.54 12.50
C LYS A 221 -11.36 21.70 13.49
N GLN A 222 -11.35 20.36 13.30
CA GLN A 222 -10.55 19.51 14.15
C GLN A 222 -9.05 19.75 13.93
N PRO A 223 -8.25 19.51 14.96
CA PRO A 223 -6.79 19.43 14.75
C PRO A 223 -6.44 18.40 13.68
N THR A 224 -5.43 18.67 12.88
CA THR A 224 -5.05 17.78 11.80
C THR A 224 -4.75 16.36 12.26
N LEU A 225 -4.01 16.21 13.34
CA LEU A 225 -3.62 14.87 13.78
C LEU A 225 -4.87 14.14 14.27
N ASN A 226 -5.86 14.87 14.79
CA ASN A 226 -7.10 14.17 15.18
C ASN A 226 -7.87 13.66 13.98
N LEU A 227 -7.91 14.44 12.90
CA LEU A 227 -8.58 13.95 11.69
C LEU A 227 -7.88 12.68 11.21
N ARG A 228 -6.55 12.74 11.21
CA ARG A 228 -5.77 11.62 10.65
C ARG A 228 -5.91 10.38 11.53
N TYR A 229 -5.76 10.54 12.85
CA TYR A 229 -5.74 9.34 13.70
C TYR A 229 -7.14 8.78 13.99
N THR A 230 -8.17 9.62 13.86
CA THR A 230 -9.53 9.10 13.95
C THR A 230 -9.77 8.26 12.69
N ARG A 231 -9.35 8.74 11.53
CA ARG A 231 -9.45 7.91 10.34
C ARG A 231 -8.70 6.58 10.52
N VAL A 232 -7.49 6.61 11.07
CA VAL A 232 -6.71 5.38 11.30
C VAL A 232 -7.47 4.42 12.22
N ALA A 233 -7.95 4.95 13.35
CA ALA A 233 -8.63 4.12 14.34
C ALA A 233 -9.87 3.47 13.77
N LEU A 234 -10.57 4.19 12.89
CA LEU A 234 -11.87 3.73 12.40
CA LEU A 234 -11.86 3.74 12.38
C LEU A 234 -11.73 2.86 11.14
N THR A 235 -10.50 2.70 10.65
CA THR A 235 -10.28 1.89 9.46
C THR A 235 -9.43 0.64 9.69
N GLN A 236 -8.96 0.42 10.93
CA GLN A 236 -8.11 -0.74 11.18
C GLN A 236 -8.80 -2.06 10.80
N ARG A 237 -10.00 -2.22 11.34
CA ARG A 237 -10.72 -3.48 11.10
C ARG A 237 -11.11 -3.59 9.62
N LEU A 238 -11.58 -2.48 9.05
CA LEU A 238 -11.94 -2.47 7.64
C LEU A 238 -10.75 -2.90 6.76
N LYS A 239 -9.57 -2.34 7.02
CA LYS A 239 -8.39 -2.74 6.26
C LYS A 239 -8.09 -4.23 6.41
N ARG A 240 -8.18 -4.76 7.63
CA ARG A 240 -7.92 -6.17 7.83
C ARG A 240 -8.89 -7.03 6.97
N LEU A 241 -10.17 -6.66 7.02
CA LEU A 241 -11.20 -7.40 6.26
C LEU A 241 -10.95 -7.37 4.76
N VAL A 242 -10.57 -6.20 4.26
CA VAL A 242 -10.28 -6.07 2.82
C VAL A 242 -9.05 -6.92 2.47
N ASN A 243 -7.97 -6.80 3.26
N ASN A 243 -8.00 -6.78 3.27
CA ASN A 243 -6.76 -7.61 3.03
CA ASN A 243 -6.81 -7.57 3.04
C ASN A 243 -7.00 -9.11 3.05
C ASN A 243 -7.08 -9.07 2.99
N GLU A 244 -7.95 -9.54 3.89
CA GLU A 244 -8.27 -10.95 3.99
C GLU A 244 -8.71 -11.54 2.64
N GLY A 245 -9.55 -10.78 1.94
CA GLY A 245 -10.29 -11.35 0.81
C GLY A 245 -10.01 -10.78 -0.57
N ILE A 246 -9.27 -9.67 -0.65
CA ILE A 246 -9.20 -8.98 -1.96
C ILE A 246 -8.42 -9.75 -3.02
N GLY A 247 -7.23 -10.24 -2.65
CA GLY A 247 -6.44 -10.99 -3.63
C GLY A 247 -7.15 -12.27 -4.03
N TYR A 248 -7.76 -12.99 -3.07
CA TYR A 248 -8.39 -14.27 -3.40
C TYR A 248 -9.58 -14.00 -4.33
N GLY A 249 -10.37 -12.96 -4.03
CA GLY A 249 -11.55 -12.63 -4.88
C GLY A 249 -11.08 -12.35 -6.31
N LEU A 250 -9.99 -11.59 -6.44
CA LEU A 250 -9.57 -11.14 -7.79
C LEU A 250 -8.94 -12.30 -8.55
N ALA A 251 -8.31 -13.22 -7.82
CA ALA A 251 -7.72 -14.41 -8.48
C ALA A 251 -8.86 -15.32 -8.99
N LEU A 252 -9.86 -15.56 -8.13
CA LEU A 252 -11.03 -16.34 -8.56
C LEU A 252 -11.74 -15.68 -9.74
N GLU A 253 -11.85 -14.35 -9.69
CA GLU A 253 -12.46 -13.60 -10.78
C GLU A 253 -11.67 -13.83 -12.08
N GLY A 254 -10.34 -13.79 -12.00
CA GLY A 254 -9.48 -14.03 -13.16
C GLY A 254 -9.76 -15.41 -13.75
N ILE A 255 -9.86 -16.43 -12.90
CA ILE A 255 -10.13 -17.78 -13.43
C ILE A 255 -11.46 -17.83 -14.19
N THR A 256 -12.50 -17.21 -13.62
CA THR A 256 -13.78 -17.18 -14.32
C THR A 256 -13.70 -16.42 -15.65
N ALA A 257 -12.86 -15.38 -15.70
CA ALA A 257 -12.66 -14.65 -16.96
C ALA A 257 -11.98 -15.57 -17.98
N THR A 258 -10.97 -16.29 -17.54
CA THR A 258 -10.33 -17.29 -18.44
C THR A 258 -11.34 -18.30 -18.97
N ASP A 259 -12.23 -18.75 -18.09
CA ASP A 259 -13.15 -19.81 -18.43
C ASP A 259 -14.15 -19.38 -19.50
N LEU A 260 -14.29 -18.07 -19.73
CA LEU A 260 -15.24 -17.61 -20.74
C LEU A 260 -14.78 -18.11 -22.12
N ARG A 261 -13.51 -18.46 -22.24
CA ARG A 261 -13.00 -19.06 -23.49
C ARG A 261 -13.51 -20.50 -23.69
N ASN A 262 -13.99 -21.15 -22.62
CA ASN A 262 -14.47 -22.53 -22.67
C ASN A 262 -15.95 -22.57 -23.07
N THR A 263 -16.55 -21.55 -23.45
N GLN B 15 15.56 2.52 -20.40
CA GLN B 15 15.27 2.13 -18.99
C GLN B 15 14.19 3.01 -18.36
N PRO B 16 13.53 2.51 -17.30
CA PRO B 16 12.49 3.31 -16.69
C PRO B 16 13.03 4.60 -16.07
N GLU B 17 12.20 5.64 -16.09
CA GLU B 17 12.56 6.89 -15.44
C GLU B 17 12.95 6.68 -13.98
N TYR B 18 12.23 5.81 -13.26
CA TYR B 18 12.49 5.68 -11.81
C TYR B 18 13.89 5.17 -11.48
N PHE B 19 14.58 4.55 -12.45
CA PHE B 19 15.97 4.09 -12.25
C PHE B 19 16.90 5.24 -11.84
N THR B 20 16.56 6.48 -12.20
CA THR B 20 17.41 7.64 -11.89
C THR B 20 16.75 8.70 -11.02
N LYS B 21 15.67 8.31 -10.34
CA LYS B 21 14.88 9.23 -9.55
C LYS B 21 15.35 9.32 -8.11
N TYR B 22 16.18 8.36 -7.67
CA TYR B 22 16.47 8.21 -6.25
C TYR B 22 17.97 8.36 -5.98
N GLU B 23 18.36 9.44 -5.30
CA GLU B 23 19.77 9.72 -5.12
C GLU B 23 20.51 8.65 -4.32
N ASN B 24 19.74 7.86 -3.54
CA ASN B 24 20.33 6.81 -2.72
C ASN B 24 20.12 5.37 -3.19
N LEU B 25 19.62 5.21 -4.41
CA LEU B 25 19.41 3.85 -4.97
C LEU B 25 19.96 3.80 -6.37
N HIS B 26 20.83 2.82 -6.62
N HIS B 26 20.80 2.78 -6.62
CA HIS B 26 21.24 2.52 -7.98
CA HIS B 26 21.32 2.47 -7.95
C HIS B 26 20.42 1.34 -8.45
C HIS B 26 20.54 1.27 -8.49
N PHE B 27 20.06 1.38 -9.73
CA PHE B 27 19.26 0.32 -10.35
C PHE B 27 20.02 -0.25 -11.56
N HIS B 28 20.02 -1.57 -11.70
CA HIS B 28 20.57 -2.24 -12.90
C HIS B 28 19.71 -3.44 -13.17
N ARG B 29 19.25 -3.60 -14.41
CA ARG B 29 18.39 -4.73 -14.74
C ARG B 29 18.89 -5.44 -16.00
N ASP B 30 18.87 -6.77 -15.96
CA ASP B 30 19.33 -7.54 -17.13
C ASP B 30 18.18 -7.92 -18.06
N GLU B 31 18.51 -8.67 -19.11
CA GLU B 31 17.54 -9.06 -20.13
C GLU B 31 16.50 -10.05 -19.62
N ASN B 32 16.79 -10.66 -18.47
CA ASN B 32 15.89 -11.63 -17.86
C ASN B 32 14.93 -10.99 -16.87
N GLY B 33 14.98 -9.67 -16.74
CA GLY B 33 14.15 -8.97 -15.77
C GLY B 33 14.66 -9.04 -14.36
N ILE B 34 15.93 -9.40 -14.18
CA ILE B 34 16.53 -9.39 -12.83
C ILE B 34 17.00 -7.98 -12.55
N LEU B 35 16.41 -7.39 -11.51
CA LEU B 35 16.71 -6.04 -11.09
C LEU B 35 17.52 -6.02 -9.81
N GLU B 36 18.69 -5.43 -9.88
CA GLU B 36 19.48 -5.19 -8.66
CA GLU B 36 19.49 -5.19 -8.68
C GLU B 36 19.28 -3.76 -8.20
N VAL B 37 18.86 -3.62 -6.95
CA VAL B 37 18.65 -2.34 -6.33
C VAL B 37 19.68 -2.19 -5.21
N ARG B 38 20.55 -1.20 -5.35
CA ARG B 38 21.66 -1.03 -4.43
C ARG B 38 21.57 0.30 -3.71
N MET B 39 21.49 0.23 -2.38
CA MET B 39 21.42 1.44 -1.54
C MET B 39 22.82 2.01 -1.40
N HIS B 40 22.93 3.33 -1.49
CA HIS B 40 24.22 4.01 -1.30
C HIS B 40 24.07 5.46 -0.93
N THR B 41 25.14 6.02 -0.38
CA THR B 41 25.25 7.46 -0.19
C THR B 41 26.53 7.88 -0.92
N ASN B 42 26.33 8.56 -2.06
CA ASN B 42 27.46 8.96 -2.92
C ASN B 42 28.37 7.79 -3.31
N GLY B 43 27.79 6.63 -3.58
CA GLY B 43 28.55 5.44 -3.94
C GLY B 43 29.08 4.63 -2.77
N SER B 44 28.98 5.17 -1.55
CA SER B 44 29.46 4.49 -0.36
C SER B 44 28.31 3.84 0.37
N SER B 45 28.62 3.14 1.48
CA SER B 45 27.58 2.49 2.32
C SER B 45 26.55 3.53 2.72
N LEU B 46 25.28 3.12 2.74
CA LEU B 46 24.19 4.07 3.00
C LEU B 46 24.27 4.76 4.36
N VAL B 47 24.10 6.09 4.35
CA VAL B 47 23.78 6.80 5.58
C VAL B 47 22.26 7.02 5.55
N PHE B 48 21.53 6.37 6.45
CA PHE B 48 20.07 6.52 6.41
C PHE B 48 19.67 7.94 6.83
N THR B 49 18.68 8.51 6.14
CA THR B 49 18.31 9.92 6.39
C THR B 49 16.79 10.11 6.41
N GLY B 50 16.35 11.31 6.79
CA GLY B 50 14.93 11.65 6.58
C GLY B 50 14.53 11.49 5.10
N LYS B 51 15.46 11.81 4.20
CA LYS B 51 15.19 11.69 2.77
C LYS B 51 14.95 10.23 2.36
N THR B 52 15.80 9.30 2.82
CA THR B 52 15.61 7.90 2.44
C THR B 52 14.33 7.40 3.12
N HIS B 53 14.05 7.85 4.33
CA HIS B 53 12.83 7.38 5.00
C HIS B 53 11.57 7.76 4.18
N ARG B 54 11.61 8.94 3.56
CA ARG B 54 10.52 9.44 2.74
C ARG B 54 10.51 8.84 1.32
N GLU B 55 11.70 8.66 0.74
CA GLU B 55 11.77 8.27 -0.69
C GLU B 55 11.72 6.76 -0.90
N PHE B 56 12.29 6.01 0.05
CA PHE B 56 12.31 4.55 -0.16
C PHE B 56 10.88 3.96 -0.37
N PRO B 57 9.87 4.38 0.42
CA PRO B 57 8.52 3.85 0.09
C PRO B 57 8.11 4.08 -1.35
N ASP B 58 8.46 5.24 -1.91
CA ASP B 58 8.10 5.50 -3.29
C ASP B 58 8.89 4.59 -4.24
N ALA B 59 10.17 4.37 -3.92
CA ALA B 59 11.02 3.54 -4.78
C ALA B 59 10.50 2.12 -4.77
N PHE B 60 10.16 1.59 -3.60
CA PHE B 60 9.64 0.23 -3.55
C PHE B 60 8.30 0.12 -4.29
N TYR B 61 7.45 1.16 -4.17
CA TYR B 61 6.22 1.17 -4.97
C TYR B 61 6.54 1.12 -6.47
N ASP B 62 7.49 1.97 -6.90
CA ASP B 62 7.84 2.05 -8.34
C ASP B 62 8.37 0.70 -8.83
N ILE B 63 9.21 0.05 -8.03
CA ILE B 63 9.71 -1.28 -8.36
C ILE B 63 8.53 -2.25 -8.50
N SER B 64 7.56 -2.17 -7.58
CA SER B 64 6.46 -3.12 -7.57
C SER B 64 5.49 -2.95 -8.73
N ARG B 65 5.39 -1.73 -9.23
CA ARG B 65 4.45 -1.42 -10.33
C ARG B 65 4.99 -1.93 -11.68
N ASP B 66 6.32 -2.06 -11.77
CA ASP B 66 6.97 -2.33 -13.06
C ASP B 66 6.99 -3.82 -13.35
N ARG B 67 6.13 -4.29 -14.25
N ARG B 67 6.15 -4.27 -14.28
CA ARG B 67 6.02 -5.74 -14.51
CA ARG B 67 5.99 -5.70 -14.58
C ARG B 67 7.27 -6.34 -15.18
C ARG B 67 7.20 -6.32 -15.30
N ASP B 68 8.16 -5.48 -15.69
CA ASP B 68 9.43 -5.98 -16.30
C ASP B 68 10.42 -6.48 -15.23
N ASN B 69 10.15 -6.16 -13.96
CA ASN B 69 10.95 -6.72 -12.87
C ASN B 69 10.44 -8.10 -12.58
N ARG B 70 11.29 -9.08 -12.84
CA ARG B 70 10.93 -10.51 -12.67
C ARG B 70 11.57 -11.17 -11.45
N VAL B 71 12.71 -10.63 -11.03
CA VAL B 71 13.35 -11.00 -9.77
C VAL B 71 14.00 -9.72 -9.28
N VAL B 72 14.01 -9.52 -7.97
CA VAL B 72 14.68 -8.34 -7.41
C VAL B 72 15.77 -8.76 -6.45
N ILE B 73 16.95 -8.14 -6.58
CA ILE B 73 18.03 -8.29 -5.59
C ILE B 73 18.19 -6.93 -4.89
N LEU B 74 18.08 -6.93 -3.55
CA LEU B 74 18.19 -5.69 -2.78
C LEU B 74 19.50 -5.80 -2.00
N THR B 75 20.35 -4.79 -2.14
CA THR B 75 21.66 -4.87 -1.49
C THR B 75 22.12 -3.47 -1.05
N GLY B 76 23.25 -3.41 -0.31
CA GLY B 76 23.86 -2.12 0.04
C GLY B 76 25.18 -1.96 -0.72
N SER B 77 25.97 -0.98 -0.29
CA SER B 77 27.23 -0.65 -0.95
C SER B 77 28.35 -0.76 0.07
N GLY B 78 29.57 -0.97 -0.42
CA GLY B 78 30.73 -0.98 0.47
C GLY B 78 30.64 -2.11 1.48
N ASP B 79 31.10 -1.84 2.71
CA ASP B 79 31.35 -2.82 3.73
C ASP B 79 30.19 -3.07 4.66
N ALA B 80 29.11 -2.31 4.49
CA ALA B 80 27.96 -2.39 5.42
C ALA B 80 26.71 -2.33 4.58
N TRP B 81 25.67 -3.04 5.02
CA TRP B 81 24.38 -3.00 4.33
C TRP B 81 23.68 -1.70 4.78
N MET B 82 23.59 -1.52 6.10
CA MET B 82 23.13 -0.24 6.66
C MET B 82 23.62 -0.15 8.07
N ALA B 83 24.57 0.75 8.31
CA ALA B 83 25.14 0.86 9.66
C ALA B 83 25.21 2.28 10.18
N GLU B 84 24.77 3.23 9.35
CA GLU B 84 24.84 4.67 9.68
C GLU B 84 23.50 5.37 9.54
N ILE B 85 23.28 6.39 10.37
CA ILE B 85 22.05 7.17 10.29
C ILE B 85 22.37 8.61 10.67
N ASP B 86 21.81 9.55 9.92
CA ASP B 86 21.95 10.96 10.23
C ASP B 86 20.68 11.29 11.03
N PHE B 87 20.78 11.22 12.37
N PHE B 87 20.78 11.25 12.37
CA PHE B 87 19.60 11.39 13.24
CA PHE B 87 19.65 11.51 13.28
C PHE B 87 18.88 12.76 13.07
C PHE B 87 18.91 12.77 12.96
N PRO B 88 19.62 13.90 13.04
CA PRO B 88 18.92 15.17 12.86
C PRO B 88 18.12 15.26 11.56
N SER B 89 18.56 14.55 10.51
CA SER B 89 17.91 14.64 9.20
C SER B 89 16.53 13.99 9.22
N LEU B 90 16.23 13.20 10.26
CA LEU B 90 14.88 12.59 10.35
C LEU B 90 13.81 13.59 10.78
N GLY B 91 14.24 14.80 11.16
CA GLY B 91 13.30 15.82 11.65
C GLY B 91 13.11 15.71 13.15
N ASP B 92 12.32 16.61 13.72
CA ASP B 92 12.17 16.65 15.17
C ASP B 92 11.15 15.59 15.56
N VAL B 93 11.66 14.40 15.79
CA VAL B 93 10.82 13.23 16.09
C VAL B 93 10.06 13.40 17.38
N THR B 94 10.45 14.35 18.23
CA THR B 94 9.80 14.55 19.53
C THR B 94 8.51 15.38 19.39
N ASN B 95 8.26 15.86 18.18
CA ASN B 95 7.07 16.64 17.88
C ASN B 95 6.12 15.73 17.11
N PRO B 96 4.95 15.42 17.70
CA PRO B 96 4.01 14.49 17.06
C PRO B 96 3.63 14.84 15.62
N ARG B 97 3.63 16.14 15.29
CA ARG B 97 3.31 16.57 13.92
C ARG B 97 4.39 16.20 12.90
N GLU B 98 5.62 16.11 13.38
CA GLU B 98 6.75 15.68 12.57
CA GLU B 98 6.74 15.68 12.54
C GLU B 98 6.85 14.16 12.57
N TRP B 99 6.71 13.56 13.75
CA TRP B 99 6.70 12.10 13.83
C TRP B 99 5.63 11.51 12.93
N ASP B 100 4.49 12.19 12.79
CA ASP B 100 3.43 11.64 11.93
C ASP B 100 3.92 11.36 10.52
N LYS B 101 4.83 12.19 9.99
CA LYS B 101 5.39 11.89 8.68
C LYS B 101 6.16 10.56 8.71
N THR B 102 6.98 10.39 9.73
CA THR B 102 7.79 9.19 9.91
C THR B 102 6.86 7.97 10.06
N TYR B 103 5.79 8.17 10.83
CA TYR B 103 4.78 7.10 11.07
C TYR B 103 4.12 6.64 9.75
N TRP B 104 3.65 7.62 8.96
CA TRP B 104 2.99 7.29 7.69
C TRP B 104 3.96 6.60 6.73
N GLU B 105 5.19 7.16 6.68
CA GLU B 105 6.24 6.58 5.83
C GLU B 105 6.68 5.21 6.31
N GLY B 106 6.62 4.98 7.63
CA GLY B 106 7.03 3.66 8.20
C GLY B 106 6.02 2.60 7.88
N LYS B 107 4.74 2.97 7.83
CA LYS B 107 3.72 1.99 7.39
C LYS B 107 3.90 1.71 5.90
N LYS B 108 4.02 2.77 5.08
CA LYS B 108 4.12 2.59 3.63
C LYS B 108 5.36 1.82 3.20
N VAL B 109 6.48 2.03 3.88
CA VAL B 109 7.72 1.37 3.36
C VAL B 109 7.58 -0.16 3.40
N LEU B 110 7.03 -0.71 4.49
CA LEU B 110 6.91 -2.17 4.58
C LEU B 110 5.77 -2.67 3.70
N GLN B 111 4.67 -1.92 3.62
CA GLN B 111 3.58 -2.33 2.75
C GLN B 111 4.07 -2.39 1.31
N ASN B 112 4.80 -1.36 0.89
CA ASN B 112 5.20 -1.28 -0.51
C ASN B 112 6.29 -2.31 -0.83
N LEU B 113 7.19 -2.53 0.15
CA LEU B 113 8.23 -3.52 -0.04
CA LEU B 113 8.24 -3.56 0.04
C LEU B 113 7.64 -4.94 -0.12
N LEU B 114 6.71 -5.26 0.78
CA LEU B 114 6.06 -6.57 0.73
C LEU B 114 5.27 -6.75 -0.57
N ASP B 115 4.72 -5.63 -1.12
CA ASP B 115 3.92 -5.65 -2.35
C ASP B 115 4.75 -5.74 -3.66
N ILE B 116 6.08 -5.76 -3.53
CA ILE B 116 6.88 -6.23 -4.68
C ILE B 116 6.39 -7.65 -4.99
N GLU B 117 5.98 -7.90 -6.22
CA GLU B 117 5.20 -9.11 -6.57
C GLU B 117 6.04 -10.14 -7.30
N VAL B 118 7.33 -10.17 -6.97
CA VAL B 118 8.25 -11.20 -7.48
C VAL B 118 9.20 -11.57 -6.33
N PRO B 119 9.92 -12.68 -6.47
CA PRO B 119 10.87 -13.06 -5.43
C PRO B 119 11.90 -11.96 -5.23
N VAL B 120 12.22 -11.72 -3.97
CA VAL B 120 13.21 -10.70 -3.60
C VAL B 120 14.35 -11.41 -2.87
N ILE B 121 15.57 -11.19 -3.36
CA ILE B 121 16.77 -11.75 -2.76
C ILE B 121 17.48 -10.62 -2.02
N SER B 122 17.77 -10.82 -0.74
CA SER B 122 18.62 -9.88 -0.02
C SER B 122 20.08 -10.34 -0.17
N ALA B 123 20.94 -9.42 -0.59
CA ALA B 123 22.36 -9.70 -0.56
C ALA B 123 22.92 -8.76 0.51
N VAL B 124 23.12 -9.30 1.71
CA VAL B 124 23.48 -8.45 2.84
C VAL B 124 25.01 -8.37 2.86
N ASN B 125 25.53 -7.20 2.49
CA ASN B 125 26.96 -7.03 2.16
C ASN B 125 27.82 -6.55 3.34
N GLY B 126 27.26 -6.65 4.53
CA GLY B 126 27.96 -6.33 5.76
C GLY B 126 26.96 -5.91 6.82
N ALA B 127 27.44 -5.17 7.82
CA ALA B 127 26.62 -4.87 9.02
C ALA B 127 25.25 -4.31 8.65
N ALA B 128 24.23 -4.86 9.29
CA ALA B 128 22.83 -4.39 9.14
C ALA B 128 22.39 -4.04 10.57
N LEU B 129 22.60 -2.77 10.94
CA LEU B 129 22.42 -2.35 12.32
C LEU B 129 21.14 -1.56 12.49
N LEU B 130 20.53 -1.20 11.36
CA LEU B 130 19.22 -0.58 11.40
C LEU B 130 18.48 -0.97 10.14
N HIS B 131 17.15 -0.89 10.23
CA HIS B 131 16.30 -1.22 9.09
C HIS B 131 16.43 -2.63 8.53
N SER B 132 16.91 -3.53 9.39
CA SER B 132 16.97 -4.96 9.04
C SER B 132 15.58 -5.55 8.77
N GLU B 133 14.52 -4.89 9.23
CA GLU B 133 13.17 -5.36 8.87
C GLU B 133 12.98 -5.38 7.34
N TYR B 134 13.73 -4.57 6.57
CA TYR B 134 13.60 -4.66 5.10
C TYR B 134 14.02 -6.04 4.66
N ILE B 135 15.14 -6.52 5.20
CA ILE B 135 15.68 -7.85 4.85
C ILE B 135 14.64 -8.91 5.19
N LEU B 136 13.96 -8.73 6.33
CA LEU B 136 12.97 -9.72 6.77
C LEU B 136 11.61 -9.68 6.01
N THR B 137 11.54 -8.89 4.91
CA THR B 137 10.44 -9.02 3.99
C THR B 137 10.81 -9.90 2.81
N THR B 138 12.12 -10.18 2.68
CA THR B 138 12.63 -10.85 1.44
C THR B 138 12.63 -12.37 1.53
N ASP B 139 12.69 -13.02 0.37
CA ASP B 139 12.45 -14.46 0.29
C ASP B 139 13.70 -15.33 0.44
N ILE B 140 14.83 -14.78 0.00
CA ILE B 140 16.11 -15.53 0.05
C ILE B 140 17.12 -14.57 0.60
N ILE B 141 17.80 -14.96 1.67
CA ILE B 141 18.69 -14.03 2.37
C ILE B 141 20.14 -14.58 2.31
N LEU B 142 21.00 -13.83 1.62
CA LEU B 142 22.41 -14.18 1.51
C LEU B 142 23.18 -13.15 2.29
N ALA B 143 24.26 -13.56 2.96
CA ALA B 143 25.06 -12.58 3.69
C ALA B 143 26.53 -12.83 3.50
N SER B 144 27.29 -11.76 3.42
CA SER B 144 28.75 -11.89 3.40
C SER B 144 29.23 -12.26 4.80
N GLU B 145 30.40 -12.90 4.85
CA GLU B 145 30.93 -13.44 6.11
CA GLU B 145 31.04 -13.40 6.07
C GLU B 145 31.12 -12.36 7.18
N ASN B 146 31.31 -11.10 6.78
CA ASN B 146 31.54 -9.97 7.70
C ASN B 146 30.24 -9.39 8.31
N THR B 147 29.11 -9.90 7.84
CA THR B 147 27.83 -9.34 8.26
C THR B 147 27.53 -9.60 9.72
N VAL B 148 26.96 -8.59 10.37
CA VAL B 148 26.39 -8.70 11.72
C VAL B 148 25.00 -8.06 11.67
N PHE B 149 24.07 -8.59 12.46
CA PHE B 149 22.71 -8.04 12.54
C PHE B 149 22.48 -7.51 13.93
N GLN B 150 21.85 -6.34 14.03
CA GLN B 150 21.51 -5.80 15.33
C GLN B 150 20.37 -4.80 15.14
N ASP B 151 19.52 -4.66 16.17
CA ASP B 151 18.66 -3.49 16.24
C ASP B 151 19.37 -2.43 17.10
N MET B 152 20.22 -1.64 16.46
N MET B 152 20.22 -1.64 16.46
CA MET B 152 21.03 -0.65 17.15
CA MET B 152 21.02 -0.66 17.17
C MET B 152 20.30 0.60 17.66
C MET B 152 20.27 0.59 17.67
N PRO B 153 19.55 1.28 16.78
CA PRO B 153 19.18 2.67 17.13
C PRO B 153 18.12 2.88 18.19
N HIS B 154 17.17 1.96 18.30
CA HIS B 154 16.00 2.24 19.10
C HIS B 154 16.31 2.35 20.57
N LEU B 155 16.89 1.31 21.15
CA LEU B 155 17.25 1.38 22.55
C LEU B 155 18.47 2.26 22.84
N ASN B 156 19.25 2.61 21.80
CA ASN B 156 20.24 3.69 21.94
C ASN B 156 19.60 5.06 22.16
N ALA B 157 18.48 5.30 21.48
CA ALA B 157 17.79 6.60 21.55
C ALA B 157 16.76 6.63 22.67
N GLY B 158 16.37 5.47 23.13
CA GLY B 158 15.35 5.34 24.16
C GLY B 158 13.92 5.32 23.63
N ILE B 159 13.74 4.82 22.40
CA ILE B 159 12.41 4.77 21.76
C ILE B 159 12.08 3.32 21.37
N VAL B 160 10.79 3.05 21.15
CA VAL B 160 10.34 1.66 20.92
C VAL B 160 10.91 1.17 19.60
N PRO B 161 11.40 -0.09 19.58
CA PRO B 161 11.75 -0.75 18.30
C PRO B 161 10.45 -1.13 17.57
N GLY B 162 9.73 -0.11 17.09
CA GLY B 162 8.33 -0.29 16.66
C GLY B 162 8.10 -0.21 15.17
N ASP B 163 9.17 -0.26 14.39
CA ASP B 163 9.09 -0.01 12.95
C ASP B 163 9.00 -1.28 12.11
N GLY B 164 8.62 -2.38 12.77
CA GLY B 164 8.51 -3.67 12.09
C GLY B 164 9.51 -4.66 12.68
N VAL B 165 10.63 -4.18 13.23
CA VAL B 165 11.55 -5.12 13.92
C VAL B 165 10.83 -5.89 15.02
N HIS B 166 9.85 -5.22 15.64
CA HIS B 166 9.13 -5.86 16.76
C HIS B 166 8.26 -7.06 16.33
N ILE B 167 7.92 -7.10 15.03
CA ILE B 167 7.13 -8.18 14.46
C ILE B 167 8.03 -9.20 13.79
N LEU B 168 8.98 -8.71 13.00
CA LEU B 168 9.72 -9.60 12.12
C LEU B 168 10.90 -10.32 12.80
N TRP B 169 11.58 -9.68 13.75
CA TRP B 169 12.61 -10.42 14.48
C TRP B 169 12.04 -11.58 15.31
N PRO B 170 10.93 -11.33 16.06
CA PRO B 170 10.29 -12.47 16.73
C PRO B 170 9.71 -13.50 15.76
N LEU B 171 9.36 -13.12 14.53
CA LEU B 171 8.96 -14.12 13.56
CA LEU B 171 8.97 -14.14 13.55
C LEU B 171 10.17 -14.97 13.15
N ALA B 172 11.30 -14.29 12.92
CA ALA B 172 12.51 -14.94 12.44
C ALA B 172 13.12 -15.84 13.52
N LEU B 173 13.27 -15.30 14.73
CA LEU B 173 13.96 -16.01 15.78
C LEU B 173 13.02 -16.73 16.74
N GLY B 174 11.72 -16.59 16.51
CA GLY B 174 10.73 -17.12 17.46
C GLY B 174 10.45 -16.04 18.51
N LEU B 175 9.30 -16.19 19.17
CA LEU B 175 8.83 -15.18 20.12
C LEU B 175 9.58 -15.17 21.47
N TYR B 176 10.67 -15.93 21.56
CA TYR B 176 11.46 -15.99 22.81
C TYR B 176 12.81 -15.34 22.51
N ARG B 177 13.61 -15.99 21.67
CA ARG B 177 14.89 -15.40 21.28
C ARG B 177 14.69 -14.05 20.59
N GLY B 178 13.58 -13.90 19.85
CA GLY B 178 13.32 -12.61 19.19
C GLY B 178 13.18 -11.46 20.18
N ARG B 179 12.49 -11.69 21.30
CA ARG B 179 12.36 -10.64 22.33
C ARG B 179 13.67 -10.41 23.09
N TYR B 180 14.40 -11.48 23.42
CA TYR B 180 15.77 -11.32 23.97
C TYR B 180 16.64 -10.48 23.04
N PHE B 181 16.63 -10.79 21.76
CA PHE B 181 17.46 -10.07 20.77
C PHE B 181 17.15 -8.59 20.76
N LEU B 182 15.86 -8.23 20.80
CA LEU B 182 15.48 -6.81 20.76
C LEU B 182 15.76 -6.11 22.09
N PHE B 183 15.37 -6.73 23.20
CA PHE B 183 15.47 -6.04 24.49
C PHE B 183 16.93 -5.85 24.93
N THR B 184 17.79 -6.76 24.52
CA THR B 184 19.23 -6.67 24.90
C THR B 184 20.09 -6.10 23.78
N GLN B 185 19.48 -5.73 22.65
CA GLN B 185 20.25 -5.24 21.49
C GLN B 185 21.38 -6.20 21.13
N GLU B 186 21.01 -7.48 21.10
CA GLU B 186 21.93 -8.54 20.75
C GLU B 186 22.50 -8.31 19.34
N LYS B 187 23.78 -8.64 19.17
CA LYS B 187 24.39 -8.66 17.86
CA LYS B 187 24.40 -8.66 17.85
C LYS B 187 24.61 -10.09 17.38
N LEU B 188 24.19 -10.38 16.16
CA LEU B 188 24.33 -11.75 15.59
C LEU B 188 25.35 -11.69 14.46
N THR B 189 26.33 -12.59 14.48
CA THR B 189 27.20 -12.73 13.32
C THR B 189 26.46 -13.42 12.17
N ALA B 190 27.04 -13.39 10.97
CA ALA B 190 26.46 -14.06 9.83
C ALA B 190 26.30 -15.55 10.15
N GLN B 191 27.31 -16.12 10.78
CA GLN B 191 27.23 -17.55 11.15
C GLN B 191 26.07 -17.85 12.13
N GLN B 192 25.91 -17.03 13.15
CA GLN B 192 24.78 -17.21 14.06
C GLN B 192 23.44 -17.08 13.33
N ALA B 193 23.32 -16.06 12.50
CA ALA B 193 22.08 -15.84 11.75
C ALA B 193 21.77 -17.00 10.81
N TYR B 194 22.83 -17.59 10.25
CA TYR B 194 22.68 -18.79 9.42
C TYR B 194 22.13 -19.96 10.23
N GLU B 195 22.72 -20.18 11.40
CA GLU B 195 22.25 -21.24 12.30
C GLU B 195 20.81 -21.02 12.76
N LEU B 196 20.41 -19.74 12.83
CA LEU B 196 19.06 -19.37 13.24
C LEU B 196 18.07 -19.27 12.08
N ASN B 197 18.56 -19.69 10.90
CA ASN B 197 17.70 -19.81 9.71
CA ASN B 197 17.70 -19.81 9.70
C ASN B 197 17.24 -18.50 9.06
N VAL B 198 17.84 -17.39 9.51
CA VAL B 198 17.57 -16.06 8.95
C VAL B 198 18.39 -15.87 7.68
N VAL B 199 19.68 -16.22 7.76
CA VAL B 199 20.56 -16.15 6.60
C VAL B 199 20.58 -17.57 6.02
N HIS B 200 20.50 -17.69 4.70
CA HIS B 200 20.40 -19.00 4.05
C HIS B 200 21.70 -19.50 3.43
N GLU B 201 22.55 -18.54 3.07
CA GLU B 201 23.91 -18.84 2.59
C GLU B 201 24.84 -17.74 3.07
N VAL B 202 26.02 -18.15 3.54
CA VAL B 202 27.08 -17.24 3.96
C VAL B 202 28.18 -17.32 2.90
N LEU B 203 28.53 -16.16 2.35
CA LEU B 203 29.49 -16.10 1.25
C LEU B 203 30.65 -15.18 1.58
N PRO B 204 31.83 -15.46 1.01
CA PRO B 204 32.84 -14.40 1.05
C PRO B 204 32.34 -13.10 0.40
N GLN B 205 32.78 -11.96 0.93
CA GLN B 205 32.39 -10.65 0.40
C GLN B 205 32.51 -10.63 -1.12
N SER B 206 33.61 -11.17 -1.64
CA SER B 206 33.89 -11.08 -3.07
C SER B 206 32.99 -11.98 -3.91
N LYS B 207 32.26 -12.89 -3.27
CA LYS B 207 31.42 -13.82 -4.03
C LYS B 207 29.91 -13.58 -3.84
N LEU B 208 29.58 -12.67 -2.94
CA LEU B 208 28.17 -12.49 -2.55
C LEU B 208 27.26 -12.13 -3.73
N MET B 209 27.65 -11.13 -4.51
CA MET B 209 26.78 -10.63 -5.57
C MET B 209 26.68 -11.62 -6.73
N GLU B 210 27.78 -12.29 -7.04
CA GLU B 210 27.76 -13.33 -8.07
C GLU B 210 26.76 -14.42 -7.69
N ARG B 211 26.75 -14.82 -6.41
CA ARG B 211 25.84 -15.86 -5.96
C ARG B 211 24.39 -15.38 -6.03
N ALA B 212 24.16 -14.14 -5.60
CA ALA B 212 22.81 -13.56 -5.69
C ALA B 212 22.31 -13.62 -7.14
N TRP B 213 23.18 -13.26 -8.08
CA TRP B 213 22.78 -13.25 -9.48
C TRP B 213 22.59 -14.66 -10.05
N GLU B 214 23.38 -15.60 -9.58
CA GLU B 214 23.21 -17.01 -9.95
C GLU B 214 21.84 -17.54 -9.52
N ILE B 215 21.50 -17.25 -8.26
CA ILE B 215 20.19 -17.67 -7.77
C ILE B 215 19.07 -17.02 -8.58
N ALA B 216 19.24 -15.72 -8.85
CA ALA B 216 18.24 -14.95 -9.59
C ALA B 216 18.06 -15.51 -11.02
N ARG B 217 19.17 -15.89 -11.66
CA ARG B 217 19.09 -16.47 -13.00
C ARG B 217 18.30 -17.76 -13.03
N THR B 218 18.49 -18.59 -12.02
CA THR B 218 17.75 -19.85 -11.93
C THR B 218 16.26 -19.54 -11.75
N LEU B 219 15.98 -18.61 -10.86
CA LEU B 219 14.57 -18.23 -10.68
C LEU B 219 13.96 -17.69 -11.96
N ALA B 220 14.73 -16.88 -12.68
CA ALA B 220 14.21 -16.15 -13.86
C ALA B 220 13.81 -17.10 -14.97
N LYS B 221 14.23 -18.36 -14.87
CA LYS B 221 13.81 -19.40 -15.83
C LYS B 221 12.35 -19.80 -15.66
N GLN B 222 11.76 -19.51 -14.49
CA GLN B 222 10.34 -19.78 -14.25
C GLN B 222 9.48 -18.91 -15.11
N PRO B 223 8.24 -19.35 -15.46
CA PRO B 223 7.28 -18.46 -16.10
C PRO B 223 6.99 -17.25 -15.18
N THR B 224 6.71 -16.10 -15.77
CA THR B 224 6.52 -14.87 -15.00
C THR B 224 5.38 -14.98 -13.99
N LEU B 225 4.23 -15.50 -14.41
CA LEU B 225 3.11 -15.62 -13.45
C LEU B 225 3.48 -16.53 -12.29
N ASN B 226 4.27 -17.57 -12.57
CA ASN B 226 4.71 -18.42 -11.46
C ASN B 226 5.58 -17.67 -10.46
N LEU B 227 6.51 -16.84 -10.94
CA LEU B 227 7.33 -16.04 -10.03
C LEU B 227 6.43 -15.14 -9.19
N ARG B 228 5.48 -14.50 -9.87
CA ARG B 228 4.61 -13.51 -9.20
C ARG B 228 3.72 -14.18 -8.17
N TYR B 229 3.06 -15.26 -8.59
CA TYR B 229 2.07 -15.89 -7.71
C TYR B 229 2.70 -16.75 -6.63
N THR B 230 3.91 -17.24 -6.86
CA THR B 230 4.62 -17.90 -5.75
C THR B 230 5.00 -16.83 -4.69
N ARG B 231 5.42 -15.65 -5.13
CA ARG B 231 5.68 -14.57 -4.18
C ARG B 231 4.41 -14.22 -3.40
N VAL B 232 3.27 -14.14 -4.10
CA VAL B 232 1.98 -13.82 -3.44
C VAL B 232 1.67 -14.87 -2.41
N ALA B 233 1.75 -16.13 -2.83
CA ALA B 233 1.35 -17.24 -1.94
C ALA B 233 2.20 -17.26 -0.67
N LEU B 234 3.50 -16.99 -0.83
CA LEU B 234 4.46 -17.12 0.26
CA LEU B 234 4.45 -17.11 0.27
C LEU B 234 4.50 -15.87 1.15
N THR B 235 3.74 -14.83 0.79
CA THR B 235 3.78 -13.58 1.60
C THR B 235 2.44 -13.21 2.21
N GLN B 236 1.40 -14.03 1.98
CA GLN B 236 0.08 -13.70 2.53
C GLN B 236 0.11 -13.56 4.05
N ARG B 237 0.64 -14.59 4.70
CA ARG B 237 0.72 -14.61 6.19
C ARG B 237 1.65 -13.51 6.69
N LEU B 238 2.79 -13.34 6.03
CA LEU B 238 3.72 -12.33 6.38
C LEU B 238 3.09 -10.94 6.34
N LYS B 239 2.38 -10.64 5.25
CA LYS B 239 1.68 -9.37 5.13
C LYS B 239 0.66 -9.15 6.25
N ARG B 240 -0.10 -10.21 6.58
CA ARG B 240 -1.07 -10.10 7.68
C ARG B 240 -0.40 -9.74 9.01
N LEU B 241 0.72 -10.42 9.29
CA LEU B 241 1.44 -10.18 10.53
C LEU B 241 2.00 -8.76 10.62
N VAL B 242 2.55 -8.27 9.52
CA VAL B 242 3.07 -6.91 9.52
C VAL B 242 1.92 -5.92 9.69
N ASN B 243 0.85 -6.10 8.93
N ASN B 243 0.84 -6.10 8.93
CA ASN B 243 -0.29 -5.22 9.09
CA ASN B 243 -0.36 -5.25 9.07
C ASN B 243 -0.86 -5.16 10.52
C ASN B 243 -0.90 -5.17 10.50
N GLU B 244 -0.84 -6.31 11.20
CA GLU B 244 -1.35 -6.40 12.58
C GLU B 244 -0.67 -5.38 13.50
N GLY B 245 0.65 -5.26 13.33
CA GLY B 245 1.44 -4.56 14.36
C GLY B 245 2.17 -3.31 13.95
N ILE B 246 2.22 -3.00 12.65
CA ILE B 246 3.13 -1.94 12.20
C ILE B 246 2.66 -0.56 12.68
N GLY B 247 1.38 -0.24 12.47
CA GLY B 247 0.92 1.09 12.93
C GLY B 247 0.98 1.26 14.44
N TYR B 248 0.59 0.23 15.19
CA TYR B 248 0.62 0.31 16.65
C TYR B 248 2.07 0.53 17.13
N GLY B 249 3.00 -0.24 16.54
CA GLY B 249 4.41 -0.14 16.96
C GLY B 249 4.91 1.28 16.68
N LEU B 250 4.55 1.85 15.52
CA LEU B 250 5.08 3.18 15.17
C LEU B 250 4.41 4.30 15.98
N ALA B 251 3.14 4.09 16.41
CA ALA B 251 2.46 5.09 17.26
C ALA B 251 3.11 5.06 18.65
N LEU B 252 3.32 3.86 19.18
CA LEU B 252 4.00 3.73 20.49
C LEU B 252 5.40 4.34 20.45
N GLU B 253 6.11 4.07 19.35
CA GLU B 253 7.46 4.63 19.14
C GLU B 253 7.40 6.18 19.17
N GLY B 254 6.38 6.73 18.51
CA GLY B 254 6.20 8.19 18.46
C GLY B 254 6.01 8.75 19.86
N ILE B 255 5.21 8.07 20.68
CA ILE B 255 5.01 8.56 22.06
C ILE B 255 6.34 8.56 22.84
N THR B 256 7.11 7.48 22.72
CA THR B 256 8.43 7.47 23.36
C THR B 256 9.34 8.56 22.80
N ALA B 257 9.19 8.92 21.52
CA ALA B 257 10.03 10.02 20.93
C ALA B 257 9.63 11.35 21.56
N THR B 258 8.32 11.58 21.68
CA THR B 258 7.81 12.75 22.39
C THR B 258 8.35 12.81 23.81
N ASP B 259 8.41 11.66 24.48
CA ASP B 259 8.81 11.63 25.89
C ASP B 259 10.27 12.02 26.06
N LEU B 260 11.05 12.05 24.97
CA LEU B 260 12.48 12.42 25.08
C LEU B 260 12.64 13.86 25.57
N ARG B 261 11.58 14.66 25.41
CA ARG B 261 11.55 16.03 25.96
C ARG B 261 11.45 16.07 27.50
N ASN B 262 10.84 15.04 28.10
CA ASN B 262 10.57 14.99 29.55
C ASN B 262 11.79 14.62 30.41
N THR B 263 12.79 14.08 29.92
#